data_5A1G
#
_entry.id   5A1G
#
_cell.length_a   68.390
_cell.length_b   94.390
_cell.length_c   117.390
_cell.angle_alpha   90.00
_cell.angle_beta   90.00
_cell.angle_gamma   90.00
#
_symmetry.space_group_name_H-M   'I 2 2 2'
#
loop_
_entity.id
_entity.type
_entity.pdbx_description
1 polymer 'S-ADENOSYLMETHIONINE SYNTHASE ISOFORM TYPE-2'
2 non-polymer (4S)-2-METHYL-2,4-PENTANEDIOL
3 non-polymer '(DIPHOSPHONO)AMINOPHOSPHONIC ACID'
4 non-polymer IMIDAZOLE
5 non-polymer '[(3S)-3-amino-3-carboxypropyl]{[(2S,3S,4R,5R)-5-(6-amino-9H-purin-9-yl)-3,4-dihydroxytetrahydrofuran-2-yl]methyl}ethyls ulfonium'
6 non-polymer 'POTASSIUM ION'
7 non-polymer 'MAGNESIUM ION'
8 water water
#
_entity_poly.entity_id   1
_entity_poly.type   'polypeptide(L)'
_entity_poly.pdbx_seq_one_letter_code
;MNGQLNGFHEAFIEEGTFLFTSESVGEGHPDKICDQISDAVLDAHLQQDPDAKVACETVAKTGMILLAGEITSRAAVDYQ
KVVREAVKHIGYDDSSKGFDYKTCNVLVALEQQSPDIAQGVHLDRNEEDIGAGDQGLMFGYATDETEECMPLTIVLAHKL
NAKLAELRRNGTLPWLRPDSKTQVTVQYMQDRGAVLPIRVHTIVISVQHDEEVCLDEMRDALKEKVIKAVVPAKYLDEDT
IYHLQPSGRFVIGGPQGDAGLTGRKIIVDTYGGWGAHGGGAFSGKDYTKVDRSAAYAARWVAKSLVKGGLCRRVLVQVSY
AIGVSHPLSISIFHYGTSQKSERELLEIVKKNFDLRPGVIVRDLDLKKPIYQRTAAYGHFGRDSFPWEVPKKLKY
;
_entity_poly.pdbx_strand_id   A
#
loop_
_chem_comp.id
_chem_comp.type
_chem_comp.name
_chem_comp.formula
IMD non-polymer IMIDAZOLE 'C3 H5 N2 1'
K non-polymer 'POTASSIUM ION' 'K 1'
MG non-polymer 'MAGNESIUM ION' 'Mg 2'
MPD non-polymer (4S)-2-METHYL-2,4-PENTANEDIOL 'C6 H14 O2'
PPK non-polymer '(DIPHOSPHONO)AMINOPHOSPHONIC ACID' 'H6 N O9 P3'
S7M non-polymer '[(3S)-3-amino-3-carboxypropyl]{[(2S,3S,4R,5R)-5-(6-amino-9H-purin-9-yl)-3,4-dihydroxytetrahydrofuran-2-yl]methyl}ethyls ulfonium' 'C16 H25 N6 O5 S 1'
#
# COMPACT_ATOMS: atom_id res chain seq x y z
N GLY A 16 -14.47 24.50 -14.33
CA GLY A 16 -14.03 24.23 -12.92
C GLY A 16 -14.03 22.79 -12.43
N THR A 17 -14.69 21.87 -13.14
CA THR A 17 -14.72 20.46 -12.71
C THR A 17 -13.87 19.55 -13.58
N PHE A 18 -13.46 18.43 -13.01
CA PHE A 18 -12.65 17.44 -13.70
C PHE A 18 -12.87 16.05 -13.10
N LEU A 19 -12.50 15.03 -13.87
CA LEU A 19 -12.54 13.63 -13.40
C LEU A 19 -11.17 13.17 -12.93
N PHE A 20 -11.14 12.31 -11.90
CA PHE A 20 -9.93 11.60 -11.52
C PHE A 20 -10.33 10.18 -11.14
N THR A 21 -9.52 9.21 -11.57
CA THR A 21 -9.77 7.80 -11.34
C THR A 21 -8.63 7.16 -10.54
N SER A 22 -8.97 6.33 -9.54
CA SER A 22 -8.03 5.45 -8.83
C SER A 22 -8.58 4.03 -8.71
N GLU A 23 -7.68 3.06 -8.51
CA GLU A 23 -8.07 1.65 -8.33
C GLU A 23 -7.52 1.09 -7.03
N SER A 24 -8.04 -0.08 -6.68
CA SER A 24 -7.51 -0.89 -5.58
C SER A 24 -7.74 -2.34 -5.93
N VAL A 25 -7.07 -3.24 -5.20
CA VAL A 25 -7.26 -4.68 -5.39
C VAL A 25 -7.45 -5.37 -4.05
N GLY A 26 -8.03 -6.55 -4.10
CA GLY A 26 -8.32 -7.34 -2.89
C GLY A 26 -7.12 -8.12 -2.39
N GLU A 27 -7.30 -8.73 -1.23
CA GLU A 27 -6.23 -9.51 -0.60
C GLU A 27 -5.77 -10.72 -1.41
N GLY A 28 -6.67 -11.26 -2.23
CA GLY A 28 -6.34 -12.41 -3.08
C GLY A 28 -5.93 -12.09 -4.50
N HIS A 29 -5.83 -10.81 -4.85
CA HIS A 29 -5.19 -10.41 -6.10
C HIS A 29 -3.73 -10.93 -6.11
N PRO A 30 -3.28 -11.56 -7.21
CA PRO A 30 -1.97 -12.24 -7.22
C PRO A 30 -0.77 -11.38 -6.82
N ASP A 31 -0.70 -10.15 -7.32
CA ASP A 31 0.34 -9.19 -6.87
C ASP A 31 0.27 -8.90 -5.34
N LYS A 32 -0.94 -8.68 -4.84
CA LYS A 32 -1.13 -8.43 -3.39
C LYS A 32 -0.87 -9.65 -2.52
N ILE A 33 -1.12 -10.85 -3.02
CA ILE A 33 -0.68 -12.09 -2.35
C ILE A 33 0.84 -12.01 -2.12
N CYS A 34 1.59 -11.66 -3.16
CA CYS A 34 3.05 -11.57 -3.05
C CYS A 34 3.54 -10.51 -2.05
N ASP A 35 2.91 -9.33 -2.07
CA ASP A 35 3.23 -8.26 -1.10
C ASP A 35 3.01 -8.73 0.35
N GLN A 36 1.87 -9.40 0.57
CA GLN A 36 1.55 -9.91 1.92
C GLN A 36 2.53 -11.00 2.38
N ILE A 37 2.89 -11.90 1.47
CA ILE A 37 3.87 -12.96 1.78
C ILE A 37 5.24 -12.34 2.09
N SER A 38 5.70 -11.43 1.24
CA SER A 38 6.98 -10.74 1.45
C SER A 38 7.04 -10.06 2.82
N ASP A 39 5.93 -9.43 3.23
CA ASP A 39 5.87 -8.78 4.55
C ASP A 39 5.65 -9.74 5.71
N ALA A 40 4.97 -10.86 5.47
CA ALA A 40 4.93 -11.96 6.46
C ALA A 40 6.34 -12.48 6.77
N VAL A 41 7.15 -12.66 5.72
CA VAL A 41 8.53 -13.10 5.88
C VAL A 41 9.36 -12.06 6.65
N LEU A 42 9.22 -10.78 6.27
CA LEU A 42 9.86 -9.67 6.99
C LEU A 42 9.48 -9.70 8.47
N ASP A 43 8.19 -9.76 8.78
CA ASP A 43 7.72 -9.79 10.17
C ASP A 43 8.28 -10.98 10.97
N ALA A 44 8.30 -12.15 10.33
CA ALA A 44 8.84 -13.37 10.95
C ALA A 44 10.30 -13.18 11.40
N HIS A 45 11.10 -12.55 10.54
CA HIS A 45 12.49 -12.23 10.90
C HIS A 45 12.58 -11.18 12.02
N LEU A 46 11.80 -10.10 11.90
CA LEU A 46 11.84 -9.03 12.93
C LEU A 46 11.41 -9.48 14.32
N GLN A 47 10.48 -10.43 14.41
CA GLN A 47 10.06 -11.03 15.69
C GLN A 47 11.22 -11.61 16.50
N GLN A 48 12.23 -12.14 15.81
CA GLN A 48 13.41 -12.73 16.43
C GLN A 48 14.65 -11.83 16.38
N ASP A 49 14.84 -11.12 15.28
CA ASP A 49 16.01 -10.26 15.08
C ASP A 49 15.58 -8.87 14.58
N PRO A 50 15.44 -7.89 15.48
CA PRO A 50 15.08 -6.52 15.10
C PRO A 50 15.99 -5.86 14.06
N ASP A 51 17.24 -6.30 13.95
CA ASP A 51 18.19 -5.76 12.97
C ASP A 51 18.37 -6.61 11.70
N ALA A 52 17.42 -7.51 11.43
CA ALA A 52 17.43 -8.32 10.22
C ALA A 52 17.46 -7.43 8.98
N LYS A 53 18.28 -7.82 8.01
CA LYS A 53 18.37 -7.13 6.74
C LYS A 53 17.61 -8.01 5.78
N VAL A 54 16.51 -7.49 5.22
CA VAL A 54 15.55 -8.28 4.45
C VAL A 54 15.20 -7.61 3.13
N ALA A 55 15.28 -8.38 2.04
CA ALA A 55 14.92 -7.94 0.69
C ALA A 55 14.27 -9.13 -0.01
N CYS A 56 13.04 -9.43 0.39
CA CYS A 56 12.34 -10.65 -0.02
C CYS A 56 11.30 -10.38 -1.10
N GLU A 57 11.57 -10.87 -2.31
CA GLU A 57 10.61 -10.81 -3.41
C GLU A 57 9.83 -12.12 -3.44
N THR A 58 8.55 -12.01 -3.77
CA THR A 58 7.67 -13.16 -3.94
C THR A 58 7.10 -13.15 -5.36
N VAL A 59 6.97 -14.36 -5.94
CA VAL A 59 6.38 -14.57 -7.25
C VAL A 59 5.29 -15.64 -7.10
N ALA A 60 4.14 -15.42 -7.72
CA ALA A 60 3.02 -16.34 -7.63
C ALA A 60 2.53 -16.68 -9.02
N LYS A 61 2.38 -17.98 -9.28
CA LYS A 61 1.70 -18.47 -10.49
C LYS A 61 0.95 -19.74 -10.08
N THR A 62 0.19 -20.35 -10.98
CA THR A 62 -0.52 -21.60 -10.67
C THR A 62 0.28 -22.57 -9.79
N GLY A 63 -0.21 -22.80 -8.59
CA GLY A 63 0.35 -23.79 -7.69
C GLY A 63 1.72 -23.48 -7.11
N MET A 64 2.19 -22.24 -7.24
CA MET A 64 3.58 -21.87 -6.90
C MET A 64 3.70 -20.56 -6.14
N ILE A 65 4.41 -20.60 -5.01
CA ILE A 65 4.98 -19.42 -4.39
C ILE A 65 6.50 -19.60 -4.41
N LEU A 66 7.20 -18.65 -5.04
CA LEU A 66 8.66 -18.60 -5.04
C LEU A 66 9.12 -17.38 -4.23
N LEU A 67 10.05 -17.60 -3.30
CA LEU A 67 10.74 -16.54 -2.59
C LEU A 67 12.13 -16.36 -3.20
N ALA A 68 12.46 -15.13 -3.58
CA ALA A 68 13.76 -14.81 -4.18
C ALA A 68 14.27 -13.50 -3.61
N GLY A 69 15.55 -13.45 -3.27
CA GLY A 69 16.13 -12.23 -2.72
C GLY A 69 17.21 -12.49 -1.71
N GLU A 70 17.39 -11.52 -0.81
CA GLU A 70 18.55 -11.49 0.09
C GLU A 70 18.12 -11.23 1.52
N ILE A 71 18.53 -12.11 2.43
CA ILE A 71 18.26 -11.96 3.86
C ILE A 71 19.50 -12.35 4.65
N THR A 72 19.93 -11.43 5.53
CA THR A 72 20.97 -11.70 6.52
C THR A 72 20.34 -11.41 7.88
N SER A 73 20.21 -12.46 8.69
CA SER A 73 19.44 -12.40 9.92
C SER A 73 19.88 -13.48 10.89
N ARG A 74 19.77 -13.21 12.19
CA ARG A 74 20.00 -14.23 13.22
C ARG A 74 18.78 -15.11 13.49
N ALA A 75 17.64 -14.78 12.87
CA ALA A 75 16.39 -15.51 13.09
C ALA A 75 16.39 -16.89 12.43
N ALA A 76 15.64 -17.81 13.01
CA ALA A 76 15.40 -19.13 12.41
C ALA A 76 13.95 -19.14 11.96
N VAL A 77 13.74 -19.03 10.65
CA VAL A 77 12.40 -18.87 10.08
C VAL A 77 12.01 -20.09 9.26
N ASP A 78 10.80 -20.61 9.52
CA ASP A 78 10.24 -21.73 8.78
C ASP A 78 9.45 -21.13 7.62
N TYR A 79 10.07 -21.08 6.44
CA TYR A 79 9.45 -20.40 5.30
C TYR A 79 8.18 -21.08 4.80
N GLN A 80 8.12 -22.40 4.91
CA GLN A 80 6.92 -23.16 4.54
C GLN A 80 5.70 -22.74 5.37
N LYS A 81 5.89 -22.67 6.69
CA LYS A 81 4.84 -22.26 7.62
C LYS A 81 4.38 -20.82 7.39
N VAL A 82 5.33 -19.90 7.27
CA VAL A 82 5.02 -18.48 7.09
C VAL A 82 4.24 -18.24 5.80
N VAL A 83 4.71 -18.81 4.71
CA VAL A 83 4.04 -18.67 3.41
C VAL A 83 2.64 -19.27 3.44
N ARG A 84 2.53 -20.52 3.93
CA ARG A 84 1.24 -21.24 3.91
C ARG A 84 0.19 -20.59 4.82
N GLU A 85 0.61 -20.10 5.99
CA GLU A 85 -0.31 -19.37 6.88
C GLU A 85 -0.84 -18.06 6.29
N ALA A 86 0.01 -17.35 5.55
CA ALA A 86 -0.39 -16.13 4.89
C ALA A 86 -1.46 -16.41 3.83
N VAL A 87 -1.25 -17.48 3.05
CA VAL A 87 -2.20 -17.84 1.98
C VAL A 87 -3.53 -18.34 2.56
N LYS A 88 -3.45 -19.08 3.67
CA LYS A 88 -4.65 -19.49 4.41
C LYS A 88 -5.47 -18.27 4.85
N HIS A 89 -4.81 -17.29 5.46
CA HIS A 89 -5.47 -16.04 5.90
C HIS A 89 -6.23 -15.34 4.77
N ILE A 90 -5.61 -15.31 3.60
CA ILE A 90 -6.20 -14.69 2.41
C ILE A 90 -7.50 -15.40 1.98
N GLY A 91 -7.55 -16.73 2.14
CA GLY A 91 -8.74 -17.54 1.86
C GLY A 91 -8.61 -18.60 0.78
N TYR A 92 -7.41 -18.76 0.22
CA TYR A 92 -7.13 -19.79 -0.77
C TYR A 92 -6.82 -21.13 -0.09
N ASP A 93 -7.88 -21.92 0.12
CA ASP A 93 -7.82 -23.15 0.91
C ASP A 93 -8.46 -24.37 0.25
N ASP A 94 -8.59 -24.34 -1.08
CA ASP A 94 -9.19 -25.44 -1.80
C ASP A 94 -8.91 -25.32 -3.28
N SER A 95 -8.64 -26.46 -3.91
CA SER A 95 -8.37 -26.50 -5.34
C SER A 95 -9.54 -25.96 -6.18
N SER A 96 -10.77 -26.07 -5.67
CA SER A 96 -11.96 -25.49 -6.33
C SER A 96 -11.93 -23.96 -6.48
N LYS A 97 -11.16 -23.28 -5.62
CA LYS A 97 -10.94 -21.83 -5.71
C LYS A 97 -9.75 -21.43 -6.59
N GLY A 98 -8.99 -22.42 -7.05
CA GLY A 98 -7.84 -22.21 -7.95
C GLY A 98 -6.47 -22.21 -7.28
N PHE A 99 -6.43 -22.26 -5.95
CA PHE A 99 -5.19 -22.21 -5.19
C PHE A 99 -5.48 -22.71 -3.76
N ASP A 100 -4.53 -23.45 -3.19
CA ASP A 100 -4.70 -24.03 -1.85
C ASP A 100 -3.38 -23.99 -1.07
N TYR A 101 -3.39 -23.31 0.09
CA TYR A 101 -2.21 -23.24 0.97
C TYR A 101 -1.67 -24.60 1.42
N LYS A 102 -2.55 -25.60 1.54
CA LYS A 102 -2.16 -26.95 1.97
C LYS A 102 -1.31 -27.71 0.96
N THR A 103 -1.55 -27.48 -0.33
CA THR A 103 -1.00 -28.31 -1.40
C THR A 103 -0.18 -27.58 -2.49
N CYS A 104 -0.03 -26.25 -2.38
CA CYS A 104 0.79 -25.50 -3.35
C CYS A 104 2.28 -25.78 -3.13
N ASN A 105 3.07 -25.49 -4.16
CA ASN A 105 4.52 -25.57 -4.10
C ASN A 105 5.07 -24.28 -3.50
N VAL A 106 5.99 -24.41 -2.54
CA VAL A 106 6.75 -23.27 -2.02
C VAL A 106 8.22 -23.55 -2.30
N LEU A 107 8.83 -22.70 -3.14
CA LEU A 107 10.26 -22.76 -3.52
C LEU A 107 11.00 -21.56 -2.94
N VAL A 108 12.24 -21.78 -2.50
CA VAL A 108 13.02 -20.74 -1.84
C VAL A 108 14.38 -20.58 -2.51
N ALA A 109 14.69 -19.36 -2.95
CA ALA A 109 15.98 -19.00 -3.54
C ALA A 109 16.50 -17.75 -2.85
N LEU A 110 16.75 -17.88 -1.55
CA LEU A 110 17.21 -16.77 -0.72
C LEU A 110 18.69 -16.95 -0.41
N GLU A 111 19.44 -15.85 -0.52
CA GLU A 111 20.87 -15.82 -0.18
C GLU A 111 21.09 -14.71 0.84
N GLN A 112 22.32 -14.60 1.32
CA GLN A 112 22.69 -13.50 2.24
C GLN A 112 22.75 -12.20 1.47
N GLN A 113 22.55 -11.09 2.17
CA GLN A 113 22.84 -9.76 1.60
C GLN A 113 24.29 -9.69 1.09
N SER A 114 24.48 -9.07 -0.07
CA SER A 114 25.81 -8.86 -0.64
C SER A 114 26.72 -8.19 0.40
N PRO A 115 27.91 -8.77 0.66
CA PRO A 115 28.84 -8.09 1.58
C PRO A 115 29.29 -6.69 1.11
N ASP A 116 29.32 -6.47 -0.21
CA ASP A 116 29.66 -5.17 -0.79
C ASP A 116 28.62 -4.10 -0.43
N ILE A 117 27.33 -4.49 -0.43
CA ILE A 117 26.26 -3.61 0.06
C ILE A 117 26.42 -3.40 1.57
N ALA A 118 26.57 -4.48 2.32
CA ALA A 118 26.64 -4.39 3.79
C ALA A 118 27.76 -3.46 4.25
N GLN A 119 28.95 -3.58 3.65
CA GLN A 119 30.09 -2.73 4.03
C GLN A 119 29.87 -1.26 3.69
N GLY A 120 29.17 -0.99 2.58
CA GLY A 120 28.87 0.39 2.19
C GLY A 120 27.72 1.06 2.94
N VAL A 121 26.82 0.27 3.53
CA VAL A 121 25.57 0.80 4.11
C VAL A 121 25.59 0.83 5.63
N HIS A 122 25.89 -0.31 6.26
CA HIS A 122 25.71 -0.41 7.72
C HIS A 122 26.81 -1.02 8.57
N LEU A 123 27.77 -1.75 7.99
CA LEU A 123 28.83 -2.34 8.81
C LEU A 123 29.73 -1.25 9.37
N ASP A 124 30.03 -1.38 10.67
CA ASP A 124 30.88 -0.44 11.41
C ASP A 124 30.36 1.01 11.44
N ARG A 125 29.04 1.16 11.35
CA ARG A 125 28.40 2.48 11.40
CA ARG A 125 28.34 2.46 11.38
C ARG A 125 27.44 2.56 12.60
N ASN A 126 27.42 3.74 13.23
CA ASN A 126 26.51 4.11 14.34
C ASN A 126 25.08 4.07 13.80
N GLU A 127 24.13 3.55 14.56
CA GLU A 127 22.77 3.38 14.04
C GLU A 127 22.17 4.65 13.43
N GLU A 128 22.31 5.78 14.13
CA GLU A 128 21.83 7.09 13.61
C GLU A 128 22.47 7.49 12.27
N ASP A 129 23.69 7.02 12.04
CA ASP A 129 24.51 7.37 10.87
C ASP A 129 24.64 6.27 9.82
N ILE A 130 23.72 5.32 9.87
CA ILE A 130 23.60 4.27 8.86
C ILE A 130 23.36 4.96 7.53
N GLY A 131 24.04 4.50 6.48
CA GLY A 131 23.78 5.01 5.14
C GLY A 131 22.44 4.51 4.60
N ALA A 132 21.86 5.27 3.68
CA ALA A 132 20.70 4.77 2.92
C ALA A 132 21.08 3.44 2.28
N GLY A 133 20.14 2.49 2.28
CA GLY A 133 20.40 1.16 1.73
C GLY A 133 20.46 1.11 0.21
N ASP A 134 20.10 2.21 -0.44
CA ASP A 134 20.12 2.31 -1.90
C ASP A 134 20.01 3.79 -2.26
N GLN A 135 20.28 4.12 -3.53
CA GLN A 135 19.83 5.40 -4.05
C GLN A 135 18.33 5.33 -4.30
N GLY A 136 17.72 6.50 -4.53
CA GLY A 136 16.35 6.59 -5.01
C GLY A 136 15.65 7.88 -4.65
N LEU A 137 14.45 8.04 -5.20
CA LEU A 137 13.58 9.17 -4.88
C LEU A 137 12.26 8.64 -4.32
N MET A 138 11.61 9.46 -3.49
CA MET A 138 10.37 9.08 -2.81
C MET A 138 9.48 10.32 -2.66
N PHE A 139 8.16 10.11 -2.68
CA PHE A 139 7.21 11.20 -2.46
C PHE A 139 6.22 10.85 -1.37
N GLY A 140 5.87 11.87 -0.59
CA GLY A 140 4.72 11.84 0.31
C GLY A 140 3.67 12.83 -0.15
N TYR A 141 2.42 12.55 0.18
CA TYR A 141 1.29 13.35 -0.25
C TYR A 141 0.20 13.38 0.82
N ALA A 142 -0.50 14.50 0.93
CA ALA A 142 -1.66 14.60 1.80
C ALA A 142 -2.66 15.60 1.22
N THR A 143 -3.95 15.34 1.46
CA THR A 143 -5.02 16.20 0.97
C THR A 143 -6.11 16.30 2.04
N ASP A 144 -6.65 17.51 2.24
CA ASP A 144 -7.67 17.74 3.28
C ASP A 144 -9.09 17.29 2.88
N GLU A 145 -9.23 16.69 1.71
CA GLU A 145 -10.54 16.27 1.20
C GLU A 145 -11.20 15.14 2.00
N THR A 146 -10.43 14.39 2.81
CA THR A 146 -10.97 13.41 3.77
C THR A 146 -10.29 13.61 5.11
N GLU A 147 -10.91 13.10 6.18
CA GLU A 147 -10.32 13.19 7.54
C GLU A 147 -8.97 12.48 7.65
N GLU A 148 -8.84 11.33 6.97
CA GLU A 148 -7.59 10.56 6.93
C GLU A 148 -6.54 11.17 5.99
N CYS A 149 -6.85 12.30 5.37
CA CYS A 149 -5.93 13.07 4.53
C CYS A 149 -5.51 12.31 3.26
N MET A 150 -6.44 11.54 2.70
CA MET A 150 -6.20 10.76 1.48
C MET A 150 -7.21 11.10 0.40
N PRO A 151 -6.86 10.82 -0.87
CA PRO A 151 -7.82 11.04 -1.94
C PRO A 151 -9.07 10.17 -1.83
N LEU A 152 -10.25 10.76 -1.99
CA LEU A 152 -11.51 10.02 -1.91
C LEU A 152 -11.57 8.85 -2.90
N THR A 153 -11.01 9.06 -4.09
CA THR A 153 -11.03 8.04 -5.14
C THR A 153 -10.45 6.71 -4.64
N ILE A 154 -9.26 6.77 -4.02
CA ILE A 154 -8.60 5.55 -3.54
C ILE A 154 -9.19 5.02 -2.23
N VAL A 155 -9.62 5.91 -1.34
CA VAL A 155 -10.28 5.51 -0.09
C VAL A 155 -11.51 4.64 -0.42
N LEU A 156 -12.35 5.12 -1.32
CA LEU A 156 -13.53 4.35 -1.75
C LEU A 156 -13.15 3.04 -2.43
N ALA A 157 -12.15 3.06 -3.30
CA ALA A 157 -11.69 1.85 -3.99
C ALA A 157 -11.23 0.77 -3.00
N HIS A 158 -10.43 1.17 -2.00
CA HIS A 158 -10.00 0.26 -0.95
C HIS A 158 -11.20 -0.31 -0.20
N LYS A 159 -12.12 0.57 0.19
CA LYS A 159 -13.28 0.15 1.00
C LYS A 159 -14.19 -0.83 0.27
N LEU A 160 -14.32 -0.69 -1.05
CA LEU A 160 -15.09 -1.65 -1.83
C LEU A 160 -14.47 -3.05 -1.79
N ASN A 161 -13.14 -3.14 -1.88
CA ASN A 161 -12.46 -4.44 -1.75
C ASN A 161 -12.59 -5.04 -0.35
N ALA A 162 -12.52 -4.19 0.67
CA ALA A 162 -12.63 -4.65 2.07
C ALA A 162 -14.05 -5.16 2.36
N LYS A 163 -15.05 -4.51 1.77
CA LYS A 163 -16.45 -4.95 1.90
C LYS A 163 -16.67 -6.32 1.27
N LEU A 164 -16.08 -6.54 0.09
CA LEU A 164 -16.12 -7.87 -0.55
C LEU A 164 -15.53 -8.96 0.35
N ALA A 165 -14.35 -8.70 0.93
CA ALA A 165 -13.73 -9.65 1.86
C ALA A 165 -14.60 -9.93 3.07
N GLU A 166 -15.21 -8.89 3.62
CA GLU A 166 -16.13 -9.01 4.77
C GLU A 166 -17.32 -9.93 4.47
N LEU A 167 -17.97 -9.70 3.34
CA LEU A 167 -19.15 -10.46 2.94
C LEU A 167 -18.81 -11.89 2.51
N ARG A 168 -17.60 -12.08 1.98
CA ARG A 168 -17.06 -13.40 1.69
C ARG A 168 -16.85 -14.17 2.99
N ARG A 169 -16.20 -13.53 3.96
CA ARG A 169 -15.83 -14.19 5.20
C ARG A 169 -16.98 -14.44 6.17
N ASN A 170 -18.01 -13.58 6.15
CA ASN A 170 -19.18 -13.81 7.02
C ASN A 170 -20.31 -14.65 6.41
N GLY A 171 -20.13 -15.12 5.17
CA GLY A 171 -21.10 -16.01 4.52
C GLY A 171 -22.32 -15.33 3.91
N THR A 172 -22.35 -14.00 3.88
CA THR A 172 -23.42 -13.24 3.22
C THR A 172 -23.44 -13.53 1.71
N LEU A 173 -22.27 -13.50 1.08
CA LEU A 173 -22.13 -13.83 -0.34
C LEU A 173 -21.11 -14.97 -0.50
N PRO A 174 -21.53 -16.22 -0.24
CA PRO A 174 -20.57 -17.34 -0.20
C PRO A 174 -19.96 -17.72 -1.56
N TRP A 175 -20.55 -17.21 -2.65
CA TRP A 175 -19.99 -17.35 -3.99
C TRP A 175 -18.74 -16.51 -4.27
N LEU A 176 -18.44 -15.52 -3.41
CA LEU A 176 -17.22 -14.71 -3.58
C LEU A 176 -15.93 -15.49 -3.33
N ARG A 177 -14.91 -15.20 -4.13
N ARG A 177 -14.89 -15.14 -4.08
CA ARG A 177 -13.55 -15.71 -3.93
CA ARG A 177 -13.56 -15.69 -3.89
C ARG A 177 -12.61 -14.54 -3.63
C ARG A 177 -12.59 -14.54 -3.66
N PRO A 178 -11.36 -14.84 -3.19
CA PRO A 178 -10.47 -13.76 -2.69
C PRO A 178 -9.91 -12.72 -3.67
N ASP A 179 -9.87 -13.03 -4.96
CA ASP A 179 -9.29 -12.14 -5.99
C ASP A 179 -10.34 -11.14 -6.47
N SER A 180 -10.04 -9.84 -6.29
CA SER A 180 -10.95 -8.74 -6.65
C SER A 180 -10.18 -7.48 -7.07
N LYS A 181 -10.85 -6.66 -7.87
CA LYS A 181 -10.35 -5.34 -8.26
C LYS A 181 -11.51 -4.37 -8.29
N THR A 182 -11.24 -3.13 -7.91
CA THR A 182 -12.21 -2.04 -7.99
C THR A 182 -11.57 -0.78 -8.55
N GLN A 183 -12.41 0.11 -9.05
CA GLN A 183 -11.96 1.37 -9.63
C GLN A 183 -13.07 2.42 -9.53
N VAL A 184 -12.69 3.60 -9.08
CA VAL A 184 -13.63 4.67 -8.77
C VAL A 184 -13.18 5.97 -9.45
N THR A 185 -14.06 6.53 -10.29
CA THR A 185 -13.90 7.83 -10.93
C THR A 185 -14.79 8.83 -10.18
N VAL A 186 -14.19 9.90 -9.66
CA VAL A 186 -14.90 10.96 -8.97
C VAL A 186 -14.81 12.24 -9.80
N GLN A 187 -15.93 12.98 -9.86
CA GLN A 187 -15.95 14.34 -10.38
C GLN A 187 -15.64 15.31 -9.24
N TYR A 188 -14.61 16.12 -9.45
CA TYR A 188 -14.13 17.08 -8.47
C TYR A 188 -14.35 18.51 -8.95
N MET A 189 -14.43 19.44 -8.02
CA MET A 189 -14.33 20.87 -8.31
C MET A 189 -13.00 21.41 -7.79
N GLN A 190 -12.39 22.34 -8.52
CA GLN A 190 -11.20 23.04 -8.05
C GLN A 190 -11.56 24.06 -6.96
N ASP A 191 -10.68 24.20 -5.96
CA ASP A 191 -10.90 25.18 -4.89
C ASP A 191 -9.54 25.73 -4.44
N ARG A 192 -9.05 26.71 -5.19
CA ARG A 192 -7.80 27.43 -4.88
C ARG A 192 -6.62 26.48 -4.67
N GLY A 193 -6.49 25.51 -5.58
CA GLY A 193 -5.44 24.49 -5.48
C GLY A 193 -5.79 23.21 -4.73
N ALA A 194 -6.78 23.29 -3.84
CA ALA A 194 -7.37 22.12 -3.21
C ALA A 194 -8.43 21.54 -4.12
N VAL A 195 -8.92 20.36 -3.76
CA VAL A 195 -9.93 19.66 -4.56
C VAL A 195 -11.12 19.29 -3.68
N LEU A 196 -12.32 19.41 -4.23
CA LEU A 196 -13.58 19.13 -3.52
C LEU A 196 -14.36 18.06 -4.29
N PRO A 197 -14.58 16.88 -3.68
CA PRO A 197 -15.38 15.85 -4.38
C PRO A 197 -16.86 16.26 -4.51
N ILE A 198 -17.42 16.10 -5.71
CA ILE A 198 -18.83 16.44 -5.97
CA ILE A 198 -18.83 16.44 -6.02
C ILE A 198 -19.69 15.18 -6.10
N ARG A 199 -19.28 14.24 -6.95
CA ARG A 199 -20.05 12.99 -7.18
C ARG A 199 -19.16 11.84 -7.68
N VAL A 200 -19.67 10.62 -7.55
CA VAL A 200 -19.06 9.44 -8.19
C VAL A 200 -19.61 9.30 -9.61
N HIS A 201 -18.70 9.30 -10.57
CA HIS A 201 -19.00 9.29 -12.00
C HIS A 201 -19.10 7.85 -12.53
N THR A 202 -18.14 6.99 -12.13
CA THR A 202 -18.07 5.60 -12.59
C THR A 202 -17.48 4.72 -11.49
N ILE A 203 -18.06 3.52 -11.32
CA ILE A 203 -17.48 2.45 -10.49
C ILE A 203 -17.34 1.16 -11.31
N VAL A 204 -16.16 0.54 -11.19
CA VAL A 204 -15.88 -0.80 -11.73
C VAL A 204 -15.66 -1.75 -10.56
N ILE A 205 -16.29 -2.92 -10.61
CA ILE A 205 -15.94 -4.04 -9.70
C ILE A 205 -15.83 -5.33 -10.51
N SER A 206 -14.69 -6.01 -10.36
CA SER A 206 -14.49 -7.37 -10.86
C SER A 206 -14.07 -8.26 -9.70
N VAL A 207 -14.77 -9.36 -9.49
CA VAL A 207 -14.44 -10.28 -8.41
C VAL A 207 -14.60 -11.74 -8.85
N GLN A 208 -13.60 -12.56 -8.50
CA GLN A 208 -13.65 -14.01 -8.73
C GLN A 208 -14.86 -14.66 -8.02
N HIS A 209 -15.48 -15.63 -8.69
CA HIS A 209 -16.74 -16.21 -8.20
C HIS A 209 -16.86 -17.70 -8.52
N ASP A 210 -17.75 -18.38 -7.79
CA ASP A 210 -17.96 -19.80 -8.06
C ASP A 210 -18.82 -19.99 -9.31
N GLU A 211 -18.78 -21.20 -9.85
CA GLU A 211 -19.45 -21.55 -11.12
C GLU A 211 -20.96 -21.39 -11.08
N GLU A 212 -21.53 -21.53 -9.89
CA GLU A 212 -22.96 -21.73 -9.73
C GLU A 212 -23.80 -20.44 -9.78
N VAL A 213 -23.22 -19.32 -9.35
CA VAL A 213 -23.97 -18.05 -9.33
C VAL A 213 -24.02 -17.41 -10.72
N CYS A 214 -25.18 -16.84 -11.10
CA CYS A 214 -25.30 -16.19 -12.40
C CYS A 214 -24.94 -14.71 -12.31
N LEU A 215 -24.72 -14.12 -13.49
CA LEU A 215 -24.25 -12.76 -13.64
C LEU A 215 -25.20 -11.71 -13.07
N ASP A 216 -26.51 -11.88 -13.32
CA ASP A 216 -27.52 -10.96 -12.80
C ASP A 216 -27.57 -10.96 -11.26
N GLU A 217 -27.48 -12.12 -10.62
CA GLU A 217 -27.42 -12.18 -9.15
C GLU A 217 -26.16 -11.45 -8.63
N MET A 218 -25.01 -11.70 -9.26
CA MET A 218 -23.77 -11.03 -8.87
C MET A 218 -23.88 -9.51 -9.00
N ARG A 219 -24.37 -9.01 -10.14
N ARG A 219 -24.35 -9.01 -10.15
CA ARG A 219 -24.45 -7.56 -10.36
CA ARG A 219 -24.47 -7.58 -10.40
C ARG A 219 -25.45 -6.88 -9.43
C ARG A 219 -25.43 -6.89 -9.41
N ASP A 220 -26.57 -7.55 -9.13
CA ASP A 220 -27.54 -7.09 -8.15
C ASP A 220 -26.91 -6.97 -6.75
N ALA A 221 -26.19 -8.02 -6.30
CA ALA A 221 -25.48 -8.01 -5.00
C ALA A 221 -24.37 -6.97 -4.92
N LEU A 222 -23.60 -6.83 -6.00
CA LEU A 222 -22.53 -5.84 -6.03
C LEU A 222 -23.06 -4.41 -5.87
N LYS A 223 -24.23 -4.11 -6.46
CA LYS A 223 -24.84 -2.80 -6.30
C LYS A 223 -25.43 -2.61 -4.89
N GLU A 224 -26.27 -3.55 -4.47
CA GLU A 224 -27.07 -3.38 -3.23
C GLU A 224 -26.31 -3.63 -1.93
N LYS A 225 -25.46 -4.66 -1.89
CA LYS A 225 -24.76 -5.06 -0.67
C LYS A 225 -23.31 -4.57 -0.57
N VAL A 226 -22.70 -4.17 -1.69
CA VAL A 226 -21.31 -3.69 -1.66
C VAL A 226 -21.25 -2.17 -1.87
N ILE A 227 -21.60 -1.70 -3.06
CA ILE A 227 -21.55 -0.25 -3.38
C ILE A 227 -22.42 0.61 -2.44
N LYS A 228 -23.70 0.25 -2.32
CA LYS A 228 -24.58 1.02 -1.44
C LYS A 228 -24.19 0.92 0.04
N ALA A 229 -23.48 -0.14 0.43
CA ALA A 229 -22.97 -0.26 1.81
C ALA A 229 -21.70 0.57 2.09
N VAL A 230 -20.99 1.01 1.04
CA VAL A 230 -19.70 1.70 1.15
C VAL A 230 -19.77 3.20 0.79
N VAL A 231 -20.41 3.52 -0.33
CA VAL A 231 -20.39 4.86 -0.90
C VAL A 231 -21.60 5.66 -0.40
N PRO A 232 -21.37 6.82 0.25
CA PRO A 232 -22.50 7.68 0.63
C PRO A 232 -23.43 7.99 -0.55
N ALA A 233 -24.74 7.89 -0.29
CA ALA A 233 -25.77 8.10 -1.30
C ALA A 233 -25.69 9.47 -1.95
N LYS A 234 -25.23 10.47 -1.20
CA LYS A 234 -25.05 11.83 -1.74
C LYS A 234 -24.12 11.89 -2.97
N TYR A 235 -23.21 10.91 -3.12
CA TYR A 235 -22.32 10.83 -4.28
C TYR A 235 -22.87 10.06 -5.49
N LEU A 236 -23.96 9.31 -5.31
CA LEU A 236 -24.52 8.48 -6.37
C LEU A 236 -25.79 9.11 -6.91
N ASP A 237 -25.97 9.03 -8.23
CA ASP A 237 -27.17 9.61 -8.83
C ASP A 237 -27.52 8.86 -10.10
N GLU A 238 -28.58 9.30 -10.77
CA GLU A 238 -29.07 8.66 -12.00
C GLU A 238 -28.04 8.53 -13.12
N ASP A 239 -27.01 9.38 -13.11
CA ASP A 239 -25.98 9.41 -14.16
C ASP A 239 -24.76 8.55 -13.85
N THR A 240 -24.58 8.14 -12.60
CA THR A 240 -23.45 7.28 -12.22
C THR A 240 -23.42 6.02 -13.10
N ILE A 241 -22.23 5.71 -13.61
CA ILE A 241 -22.01 4.54 -14.46
C ILE A 241 -21.46 3.37 -13.65
N TYR A 242 -22.05 2.19 -13.87
CA TYR A 242 -21.65 0.95 -13.17
C TYR A 242 -21.17 -0.10 -14.15
N HIS A 243 -19.91 -0.51 -13.99
CA HIS A 243 -19.35 -1.63 -14.74
C HIS A 243 -19.09 -2.75 -13.74
N LEU A 244 -20.07 -3.64 -13.58
CA LEU A 244 -20.02 -4.69 -12.55
C LEU A 244 -19.89 -6.05 -13.23
N GLN A 245 -18.85 -6.80 -12.86
CA GLN A 245 -18.41 -7.99 -13.58
C GLN A 245 -18.40 -7.74 -15.09
N PRO A 246 -17.70 -6.68 -15.52
CA PRO A 246 -17.77 -6.30 -16.95
C PRO A 246 -17.19 -7.32 -17.94
N SER A 247 -16.32 -8.23 -17.47
CA SER A 247 -15.86 -9.31 -18.35
C SER A 247 -16.92 -10.39 -18.60
N GLY A 248 -17.92 -10.49 -17.71
CA GLY A 248 -19.00 -11.46 -17.83
C GLY A 248 -18.78 -12.81 -17.13
N ARG A 249 -17.53 -13.12 -16.82
CA ARG A 249 -17.16 -14.39 -16.21
C ARG A 249 -15.73 -14.30 -15.65
N PHE A 250 -15.56 -14.80 -14.43
CA PHE A 250 -14.35 -14.61 -13.61
C PHE A 250 -14.37 -15.78 -12.60
N VAL A 251 -14.33 -17.00 -13.14
CA VAL A 251 -14.26 -18.23 -12.33
C VAL A 251 -12.79 -18.57 -12.05
N ILE A 252 -12.00 -18.57 -13.12
CA ILE A 252 -10.55 -18.74 -13.01
C ILE A 252 -9.97 -17.45 -12.42
N GLY A 253 -9.20 -17.56 -11.33
CA GLY A 253 -8.71 -16.38 -10.63
C GLY A 253 -7.51 -16.69 -9.77
N GLY A 254 -7.05 -15.70 -9.02
CA GLY A 254 -5.81 -15.84 -8.23
C GLY A 254 -4.62 -16.05 -9.15
N PRO A 255 -3.51 -16.60 -8.63
CA PRO A 255 -2.34 -16.88 -9.47
C PRO A 255 -2.61 -17.73 -10.72
N GLN A 256 -3.61 -18.61 -10.69
CA GLN A 256 -3.97 -19.38 -11.87
C GLN A 256 -4.40 -18.51 -13.05
N GLY A 257 -5.12 -17.44 -12.76
CA GLY A 257 -5.57 -16.53 -13.82
C GLY A 257 -4.53 -15.53 -14.31
N ASP A 258 -3.56 -15.20 -13.47
CA ASP A 258 -2.65 -14.09 -13.72
C ASP A 258 -1.47 -14.16 -12.74
N ALA A 259 -0.24 -14.16 -13.26
CA ALA A 259 0.95 -14.23 -12.39
C ALA A 259 1.04 -13.01 -11.48
N GLY A 260 1.52 -13.21 -10.25
CA GLY A 260 1.74 -12.11 -9.33
C GLY A 260 3.21 -11.93 -8.99
N LEU A 261 3.57 -10.68 -8.65
CA LEU A 261 4.91 -10.35 -8.18
C LEU A 261 4.84 -9.31 -7.06
N THR A 262 5.78 -9.35 -6.13
CA THR A 262 5.93 -8.28 -5.14
C THR A 262 6.23 -6.93 -5.82
N GLY A 263 5.62 -5.87 -5.32
CA GLY A 263 5.94 -4.51 -5.77
C GLY A 263 5.39 -4.14 -7.13
N ARG A 264 4.29 -4.77 -7.54
CA ARG A 264 3.59 -4.43 -8.77
C ARG A 264 2.23 -3.75 -8.53
N LYS A 265 2.02 -3.26 -7.31
CA LYS A 265 0.85 -2.44 -6.97
C LYS A 265 1.25 -1.18 -6.19
N ILE A 266 2.28 -0.49 -6.68
CA ILE A 266 2.89 0.62 -5.91
C ILE A 266 2.01 1.86 -5.82
N ILE A 267 1.11 2.04 -6.78
CA ILE A 267 0.16 3.17 -6.79
C ILE A 267 -1.08 2.87 -5.93
N VAL A 268 -1.55 1.63 -5.97
CA VAL A 268 -2.56 1.13 -5.03
C VAL A 268 -2.05 1.24 -3.58
N ASP A 269 -0.76 0.98 -3.37
CA ASP A 269 -0.14 1.09 -2.04
C ASP A 269 -0.02 2.50 -1.48
N THR A 270 -0.10 3.50 -2.37
CA THR A 270 0.17 4.89 -2.03
C THR A 270 -1.05 5.80 -2.27
N TYR A 271 -1.11 6.54 -3.38
CA TYR A 271 -2.08 7.64 -3.50
C TYR A 271 -2.99 7.55 -4.73
N GLY A 272 -3.04 6.39 -5.37
CA GLY A 272 -3.97 6.14 -6.46
C GLY A 272 -3.85 7.05 -7.67
N GLY A 273 -2.64 7.51 -7.94
CA GLY A 273 -2.36 8.39 -9.09
C GLY A 273 -2.16 9.86 -8.72
N TRP A 274 -2.70 10.26 -7.57
CA TRP A 274 -2.51 11.62 -7.07
C TRP A 274 -1.08 11.78 -6.58
N GLY A 275 -0.59 13.03 -6.54
CA GLY A 275 0.76 13.29 -6.06
C GLY A 275 1.79 12.79 -7.06
N ALA A 276 2.64 11.85 -6.64
CA ALA A 276 3.69 11.32 -7.51
C ALA A 276 4.27 10.07 -6.86
N HIS A 277 5.08 9.33 -7.61
CA HIS A 277 5.77 8.15 -7.09
C HIS A 277 7.21 8.11 -7.62
N GLY A 278 8.15 7.73 -6.75
CA GLY A 278 9.57 7.61 -7.11
C GLY A 278 10.02 6.27 -7.68
N GLY A 279 9.15 5.26 -7.57
CA GLY A 279 9.30 3.96 -8.23
C GLY A 279 9.54 2.77 -7.32
N GLY A 280 9.90 3.00 -6.06
CA GLY A 280 10.31 1.94 -5.16
C GLY A 280 9.17 1.18 -4.50
N ALA A 281 9.28 -0.15 -4.44
CA ALA A 281 8.25 -0.99 -3.81
C ALA A 281 8.47 -0.96 -2.30
N PHE A 282 7.43 -1.22 -1.52
CA PHE A 282 7.55 -1.26 -0.05
C PHE A 282 7.81 -2.65 0.53
N SER A 283 7.06 -3.65 0.06
CA SER A 283 6.93 -4.92 0.78
C SER A 283 8.18 -5.78 0.66
N GLY A 284 8.50 -6.47 1.76
CA GLY A 284 9.65 -7.37 1.82
C GLY A 284 10.96 -6.69 2.19
N LYS A 285 10.89 -5.42 2.60
CA LYS A 285 12.09 -4.59 2.87
C LYS A 285 12.13 -4.06 4.31
N ASP A 286 13.28 -4.23 4.97
CA ASP A 286 13.52 -3.60 6.29
C ASP A 286 13.80 -2.10 6.18
N TYR A 287 13.91 -1.44 7.34
CA TYR A 287 13.96 0.02 7.42
C TYR A 287 15.16 0.70 6.73
N THR A 288 16.26 -0.03 6.53
CA THR A 288 17.43 0.53 5.84
C THR A 288 17.16 0.79 4.36
N LYS A 289 16.16 0.12 3.81
CA LYS A 289 15.68 0.39 2.46
C LYS A 289 14.77 1.63 2.50
N VAL A 290 15.36 2.78 2.15
CA VAL A 290 14.68 4.08 2.11
C VAL A 290 13.44 4.14 1.19
N ASP A 291 13.34 3.25 0.20
CA ASP A 291 12.08 3.10 -0.55
C ASP A 291 10.87 3.05 0.38
N ARG A 292 11.02 2.32 1.49
CA ARG A 292 9.98 2.22 2.50
C ARG A 292 10.10 3.30 3.57
N SER A 293 11.18 3.30 4.36
CA SER A 293 11.30 4.21 5.50
C SER A 293 11.14 5.68 5.11
N ALA A 294 11.77 6.10 4.00
CA ALA A 294 11.69 7.51 3.60
C ALA A 294 10.34 7.88 3.00
N ALA A 295 9.69 6.95 2.28
CA ALA A 295 8.32 7.20 1.79
C ALA A 295 7.34 7.34 2.96
N TYR A 296 7.48 6.48 3.97
CA TYR A 296 6.69 6.59 5.22
C TYR A 296 6.93 7.94 5.93
N ALA A 297 8.20 8.33 6.08
CA ALA A 297 8.53 9.65 6.65
C ALA A 297 7.96 10.81 5.83
N ALA A 298 8.01 10.70 4.51
CA ALA A 298 7.48 11.76 3.64
C ALA A 298 5.97 11.92 3.77
N ARG A 299 5.24 10.80 3.90
CA ARG A 299 3.81 10.82 4.23
C ARG A 299 3.57 11.54 5.56
N TRP A 300 4.38 11.17 6.55
CA TRP A 300 4.34 11.78 7.88
C TRP A 300 4.53 13.30 7.83
N VAL A 301 5.47 13.77 7.00
CA VAL A 301 5.69 15.20 6.81
C VAL A 301 4.47 15.84 6.16
N ALA A 302 4.01 15.25 5.06
CA ALA A 302 2.84 15.76 4.34
C ALA A 302 1.60 15.84 5.23
N LYS A 303 1.31 14.77 5.95
CA LYS A 303 0.17 14.77 6.86
C LYS A 303 0.33 15.77 8.03
N SER A 304 1.56 15.94 8.52
CA SER A 304 1.84 16.94 9.55
C SER A 304 1.61 18.38 9.07
N LEU A 305 1.95 18.65 7.81
CA LEU A 305 1.71 19.99 7.24
C LEU A 305 0.21 20.32 7.10
N VAL A 306 -0.57 19.32 6.67
CA VAL A 306 -2.01 19.50 6.47
C VAL A 306 -2.77 19.55 7.80
N LYS A 307 -2.58 18.53 8.64
CA LYS A 307 -3.19 18.55 9.99
C LYS A 307 -2.70 19.71 10.87
N GLY A 308 -1.52 20.23 10.59
CA GLY A 308 -1.03 21.45 11.25
C GLY A 308 -1.59 22.76 10.72
N GLY A 309 -2.42 22.71 9.67
CA GLY A 309 -3.06 23.90 9.12
C GLY A 309 -2.18 24.77 8.25
N LEU A 310 -1.02 24.27 7.82
CA LEU A 310 -0.11 25.05 6.98
C LEU A 310 -0.47 24.99 5.50
N CYS A 311 -1.14 23.92 5.09
CA CYS A 311 -1.69 23.83 3.74
C CYS A 311 -2.85 22.84 3.68
N ARG A 312 -3.54 22.83 2.53
CA ARG A 312 -4.68 21.94 2.29
C ARG A 312 -4.32 20.70 1.46
N ARG A 313 -3.32 20.85 0.60
CA ARG A 313 -2.85 19.78 -0.26
C ARG A 313 -1.35 19.97 -0.47
N VAL A 314 -0.55 18.91 -0.33
CA VAL A 314 0.92 19.03 -0.42
C VAL A 314 1.62 17.77 -0.91
N LEU A 315 2.66 17.95 -1.72
CA LEU A 315 3.53 16.89 -2.21
C LEU A 315 4.96 17.17 -1.71
N VAL A 316 5.61 16.12 -1.22
CA VAL A 316 6.96 16.20 -0.65
C VAL A 316 7.85 15.23 -1.39
N GLN A 317 8.96 15.69 -1.97
CA GLN A 317 9.97 14.78 -2.53
C GLN A 317 11.20 14.75 -1.63
N VAL A 318 11.78 13.55 -1.50
CA VAL A 318 13.10 13.35 -0.92
C VAL A 318 13.90 12.40 -1.82
N SER A 319 15.22 12.43 -1.71
CA SER A 319 16.10 11.50 -2.42
C SER A 319 17.36 11.16 -1.64
N TYR A 320 17.96 10.03 -2.00
CA TYR A 320 19.13 9.47 -1.31
C TYR A 320 20.16 8.88 -2.27
N ALA A 321 21.39 8.76 -1.76
CA ALA A 321 22.45 7.97 -2.40
C ALA A 321 22.81 6.82 -1.48
N ILE A 322 23.12 5.65 -2.06
CA ILE A 322 23.53 4.49 -1.27
C ILE A 322 24.77 4.83 -0.44
N GLY A 323 24.72 4.49 0.85
CA GLY A 323 25.83 4.74 1.76
C GLY A 323 25.91 6.13 2.37
N VAL A 324 24.99 7.01 2.02
CA VAL A 324 24.96 8.38 2.51
C VAL A 324 23.73 8.52 3.43
N SER A 325 23.92 9.00 4.65
CA SER A 325 22.81 9.02 5.63
C SER A 325 21.78 10.13 5.37
N HIS A 326 22.24 11.37 5.08
CA HIS A 326 21.32 12.51 4.87
C HIS A 326 20.73 12.49 3.48
N PRO A 327 19.48 12.96 3.30
CA PRO A 327 18.91 13.07 1.95
C PRO A 327 19.72 14.03 1.08
N LEU A 328 19.74 13.77 -0.22
CA LEU A 328 20.41 14.63 -1.19
C LEU A 328 19.58 15.83 -1.57
N SER A 329 18.25 15.70 -1.53
CA SER A 329 17.35 16.77 -1.87
C SER A 329 16.03 16.61 -1.13
N ILE A 330 15.41 17.74 -0.82
CA ILE A 330 14.06 17.78 -0.25
C ILE A 330 13.30 18.89 -0.97
N SER A 331 12.07 18.62 -1.39
CA SER A 331 11.25 19.60 -2.10
C SER A 331 9.80 19.58 -1.63
N ILE A 332 9.18 20.76 -1.56
CA ILE A 332 7.79 20.92 -1.11
C ILE A 332 6.97 21.61 -2.20
N PHE A 333 5.85 21.00 -2.57
CA PHE A 333 4.93 21.58 -3.56
C PHE A 333 3.54 21.67 -2.96
N HIS A 334 3.03 22.89 -2.73
CA HIS A 334 1.75 23.08 -2.01
C HIS A 334 0.53 23.41 -2.87
N TYR A 335 0.69 23.42 -4.20
CA TYR A 335 -0.40 23.67 -5.14
C TYR A 335 -1.09 25.04 -4.98
N GLY A 336 -0.38 26.00 -4.41
CA GLY A 336 -0.96 27.27 -3.94
C GLY A 336 -1.90 27.26 -2.74
N THR A 337 -1.90 26.19 -1.94
CA THR A 337 -2.84 26.03 -0.80
C THR A 337 -2.32 26.49 0.58
N SER A 338 -1.27 27.32 0.58
CA SER A 338 -0.70 27.87 1.81
C SER A 338 -0.46 29.36 1.62
N GLN A 339 -0.58 30.11 2.71
CA GLN A 339 -0.14 31.51 2.71
C GLN A 339 1.39 31.60 2.75
N LYS A 340 2.05 30.56 3.26
CA LYS A 340 3.51 30.53 3.27
C LYS A 340 4.03 30.07 1.92
N SER A 341 5.23 30.54 1.58
CA SER A 341 5.91 30.08 0.37
C SER A 341 6.37 28.63 0.55
N GLU A 342 6.61 27.97 -0.58
CA GLU A 342 7.17 26.62 -0.57
C GLU A 342 8.56 26.60 0.10
N ARG A 343 9.34 27.65 -0.11
CA ARG A 343 10.64 27.81 0.57
C ARG A 343 10.47 27.85 2.10
N GLU A 344 9.47 28.61 2.55
CA GLU A 344 9.14 28.69 3.98
C GLU A 344 8.73 27.34 4.56
N LEU A 345 7.92 26.60 3.81
CA LEU A 345 7.53 25.25 4.23
C LEU A 345 8.74 24.31 4.27
N LEU A 346 9.61 24.40 3.26
CA LEU A 346 10.84 23.58 3.24
C LEU A 346 11.68 23.84 4.50
N GLU A 347 11.83 25.10 4.88
CA GLU A 347 12.62 25.44 6.07
C GLU A 347 11.96 24.93 7.36
N ILE A 348 10.63 24.99 7.45
CA ILE A 348 9.90 24.39 8.58
C ILE A 348 10.14 22.87 8.65
N VAL A 349 10.07 22.20 7.50
CA VAL A 349 10.33 20.76 7.42
C VAL A 349 11.78 20.44 7.87
N LYS A 350 12.75 21.20 7.37
CA LYS A 350 14.16 21.01 7.76
C LYS A 350 14.40 21.21 9.27
N LYS A 351 13.74 22.20 9.87
CA LYS A 351 13.86 22.44 11.32
C LYS A 351 13.20 21.34 12.18
N ASN A 352 12.16 20.71 11.65
CA ASN A 352 11.30 19.80 12.42
C ASN A 352 11.50 18.28 12.20
N PHE A 353 12.12 17.89 11.09
CA PHE A 353 12.32 16.48 10.77
C PHE A 353 13.78 16.14 10.52
N ASP A 354 14.17 14.94 10.92
CA ASP A 354 15.49 14.37 10.64
C ASP A 354 15.24 13.13 9.78
N LEU A 355 15.52 13.24 8.48
CA LEU A 355 15.16 12.20 7.51
C LEU A 355 16.28 11.20 7.18
N ARG A 356 17.23 11.05 8.10
CA ARG A 356 18.21 9.97 8.04
C ARG A 356 17.50 8.67 8.40
N PRO A 357 17.77 7.57 7.66
CA PRO A 357 17.07 6.30 7.96
C PRO A 357 17.27 5.79 9.40
N GLY A 358 18.45 6.01 9.97
CA GLY A 358 18.74 5.67 11.35
C GLY A 358 18.05 6.48 12.43
N VAL A 359 17.42 7.59 12.05
CA VAL A 359 16.56 8.38 12.94
C VAL A 359 15.08 8.07 12.67
N ILE A 360 14.71 7.98 11.39
CA ILE A 360 13.33 7.61 11.02
C ILE A 360 12.92 6.30 11.71
N VAL A 361 13.82 5.32 11.77
CA VAL A 361 13.56 4.05 12.43
C VAL A 361 13.10 4.20 13.90
N ARG A 362 13.72 5.13 14.62
CA ARG A 362 13.35 5.45 16.01
C ARG A 362 11.98 6.11 16.06
N ASP A 363 11.82 7.18 15.28
CA ASP A 363 10.59 7.98 15.28
C ASP A 363 9.35 7.18 14.89
N LEU A 364 9.50 6.27 13.93
CA LEU A 364 8.37 5.53 13.38
C LEU A 364 8.32 4.04 13.79
N ASP A 365 9.19 3.63 14.73
CA ASP A 365 9.22 2.26 15.26
C ASP A 365 9.30 1.20 14.17
N LEU A 366 10.23 1.39 13.22
CA LEU A 366 10.28 0.56 12.02
C LEU A 366 10.97 -0.81 12.17
N LYS A 367 11.41 -1.17 13.39
CA LYS A 367 11.85 -2.54 13.67
C LYS A 367 10.72 -3.44 14.22
N LYS A 368 9.54 -2.88 14.45
CA LYS A 368 8.40 -3.66 14.95
C LYS A 368 7.80 -4.51 13.83
N PRO A 369 7.44 -5.78 14.12
CA PRO A 369 6.89 -6.64 13.07
C PRO A 369 5.40 -6.35 12.79
N ILE A 370 5.12 -5.20 12.19
CA ILE A 370 3.73 -4.79 11.87
C ILE A 370 3.48 -4.62 10.38
N TYR A 371 4.39 -5.13 9.56
CA TYR A 371 4.35 -4.87 8.11
C TYR A 371 3.33 -5.67 7.31
N GLN A 372 3.04 -6.91 7.70
CA GLN A 372 2.00 -7.68 7.01
C GLN A 372 0.66 -6.91 6.97
N ARG A 373 0.35 -6.20 8.06
N ARG A 373 0.35 -6.19 8.04
CA ARG A 373 -0.84 -5.32 8.16
CA ARG A 373 -0.87 -5.41 8.08
C ARG A 373 -0.93 -4.27 7.05
C ARG A 373 -0.94 -4.27 7.04
N THR A 374 0.22 -3.78 6.59
CA THR A 374 0.29 -2.71 5.57
C THR A 374 0.07 -3.17 4.13
N ALA A 375 0.17 -4.47 3.89
CA ALA A 375 0.40 -5.02 2.55
C ALA A 375 -0.86 -5.26 1.72
N ALA A 376 -2.02 -4.93 2.27
CA ALA A 376 -3.26 -4.79 1.47
C ALA A 376 -4.04 -3.60 1.98
N TYR A 377 -4.89 -3.04 1.11
CA TYR A 377 -5.73 -1.85 1.42
C TYR A 377 -4.96 -0.52 1.60
N GLY A 378 -3.70 -0.47 1.14
CA GLY A 378 -2.91 0.76 1.17
C GLY A 378 -2.09 0.91 2.43
N HIS A 379 -0.94 1.58 2.33
CA HIS A 379 -0.05 1.79 3.48
C HIS A 379 -0.38 3.07 4.23
N PHE A 380 -1.17 3.94 3.59
CA PHE A 380 -1.50 5.25 4.11
C PHE A 380 -2.99 5.47 4.30
N GLY A 381 -3.30 6.38 5.22
CA GLY A 381 -4.65 6.68 5.64
C GLY A 381 -5.29 5.63 6.51
N ARG A 382 -4.48 4.71 7.05
CA ARG A 382 -4.90 3.53 7.82
CA ARG A 382 -5.05 3.64 7.85
C ARG A 382 -4.72 3.77 9.33
N ASP A 383 -5.48 3.03 10.11
CA ASP A 383 -5.49 3.17 11.55
C ASP A 383 -4.16 2.72 12.15
N SER A 384 -3.69 3.50 13.11
CA SER A 384 -2.74 3.06 14.12
C SER A 384 -1.34 2.77 13.56
N PHE A 385 -0.87 3.64 12.66
CA PHE A 385 0.54 3.63 12.26
C PHE A 385 1.21 4.97 12.64
N PRO A 386 2.47 4.93 13.11
CA PRO A 386 3.19 6.14 13.53
C PRO A 386 3.29 7.25 12.47
N TRP A 387 3.43 6.86 11.21
CA TRP A 387 3.49 7.83 10.10
C TRP A 387 2.16 8.56 9.82
N GLU A 388 1.06 8.07 10.41
CA GLU A 388 -0.25 8.71 10.32
C GLU A 388 -0.59 9.61 11.51
N VAL A 389 0.29 9.67 12.53
CA VAL A 389 0.10 10.52 13.69
C VAL A 389 0.91 11.79 13.46
N PRO A 390 0.26 12.95 13.27
CA PRO A 390 1.00 14.19 12.96
C PRO A 390 2.03 14.57 14.01
N LYS A 391 3.16 15.12 13.56
CA LYS A 391 4.12 15.75 14.47
C LYS A 391 3.70 17.20 14.68
N LYS A 392 3.71 17.65 15.93
CA LYS A 392 3.47 19.07 16.25
C LYS A 392 4.69 19.88 15.81
N LEU A 393 4.45 20.88 14.97
CA LEU A 393 5.52 21.64 14.31
C LEU A 393 5.85 22.93 15.03
N LYS A 394 7.15 23.19 15.23
CA LYS A 394 7.64 24.46 15.79
C LYS A 394 8.12 25.39 14.68
N TYR A 395 7.61 26.63 14.70
CA TYR A 395 8.01 27.67 13.73
C TYR A 395 7.51 29.04 14.15
C1 MPD B . -2.97 18.63 -11.32
C2 MPD B . -3.06 17.68 -10.14
O2 MPD B . -4.42 17.72 -9.69
CM MPD B . -2.09 18.23 -9.11
C3 MPD B . -2.73 16.21 -10.51
C4 MPD B . -1.75 15.38 -9.63
O4 MPD B . -1.97 15.35 -8.16
C5 MPD B . -1.69 13.94 -10.14
C1 MPD C . -8.89 0.96 4.99
C2 MPD C . -9.96 -0.12 4.91
O2 MPD C . -10.36 -0.17 3.54
CM MPD C . -11.15 0.37 5.72
C3 MPD C . -9.36 -1.49 5.29
C4 MPD C . -9.85 -2.20 6.57
O4 MPD C . -9.30 -3.52 6.62
C5 MPD C . -9.42 -1.52 7.85
O1G PPK D . -0.44 -3.44 -12.98
PG PPK D . 0.37 -4.57 -13.55
O2G PPK D . 0.75 -5.65 -12.42
O3G PPK D . 1.70 -4.00 -14.23
N3B PPK D . -0.69 -5.20 -14.79
PB PPK D . -1.20 -6.85 -14.81
O1B PPK D . -0.28 -7.74 -14.07
O2B PPK D . -1.22 -7.34 -16.35
O3A PPK D . -2.69 -6.82 -14.14
PA PPK D . -2.99 -6.29 -12.61
O1A PPK D . -4.26 -6.93 -12.19
O2A PPK D . -1.83 -6.78 -11.80
O4A PPK D . -3.12 -4.78 -12.65
N1 IMD E . -6.08 21.69 -10.74
C2 IMD E . -6.00 22.20 -12.00
N3 IMD E . -6.86 21.54 -12.78
C4 IMD E . -7.50 20.61 -12.04
C5 IMD E . -7.00 20.71 -10.76
C1 S7M F . -7.00 -9.86 -16.30
S2 S7M F . -5.53 -9.98 -15.53
C3 S7M F . -4.26 -9.38 -16.47
C4 S7M F . -4.12 -9.90 -17.91
C5 S7M F . -3.67 -11.36 -17.95
C6 S7M F . -3.75 -11.94 -19.35
O7 S7M F . -3.07 -12.96 -19.58
O8 S7M F . -4.49 -11.41 -20.21
N9 S7M F . -2.29 -11.48 -17.43
C10 S7M F . -5.28 -9.01 -14.19
C11 S7M F . -6.21 -9.19 -13.01
C12 S7M F . -6.09 -10.51 -12.26
C13 S7M F . -7.45 -10.52 -11.60
C14 S7M F . -8.35 -9.91 -12.64
O15 S7M F . -7.56 -9.02 -13.42
N16 S7M F . -8.98 -10.95 -13.48
C17 S7M F . -8.56 -12.21 -13.74
N18 S7M F . -9.46 -12.84 -14.52
C19 S7M F . -10.47 -12.00 -14.76
C20 S7M F . -10.15 -10.76 -14.08
N21 S7M F . -11.01 -9.71 -14.14
C22 S7M F . -12.15 -9.83 -14.84
N23 S7M F . -12.52 -10.95 -15.49
C24 S7M F . -11.74 -12.06 -15.52
N25 S7M F . -12.08 -13.18 -16.19
O26 S7M F . -7.46 -9.71 -10.42
O27 S7M F . -5.01 -10.56 -11.33
C28 S7M F . -7.45 -8.44 -16.43
K K G . 0.59 -10.31 -14.31
MG MG H . 0.06 -7.50 -12.03
MG MG I . -2.61 -3.10 -13.64
#